data_4W9S
#
_entry.id   4W9S
#
_cell.length_a   87.986
_cell.length_b   101.637
_cell.length_c   66.512
_cell.angle_alpha   90.00
_cell.angle_beta   90.00
_cell.angle_gamma   90.00
#
_symmetry.space_group_name_H-M   'C 2 2 21'
#
loop_
_entity.id
_entity.type
_entity.pdbx_description
1 polymer 'Polymerase acidic protein'
2 non-polymer 'MANGANESE (II) ION'
3 non-polymer 'SULFATE ION'
4 non-polymer 5-hydroxy-2-[4-(1H-tetrazol-5-yl)phenyl]pyrimidin-4(3H)-one
5 water water
#
_entity_poly.entity_id   1
_entity_poly.type   'polypeptide(L)'
_entity_poly.pdbx_seq_one_letter_code
;MAHHHHHHSRAWRHPQFGGHHHHHHALEVLFQGPLGSMEDFVRQCFNPMIVELAEKAMKEYGEDPKIETNKFAAICTHLE
VCFMYSDFHFIDERGESIIVESGDPNALLKHRFEIIEGRDRIMAWTVVNSICNTTGVEKPKFLPDLYDYKENRFIEIGVT
RREVHIYYLEKANKIKSEKTHIHIFSFTGEEMATKADYTLDEESRARIKTRLFTIRQEMASRSLWDSFRQSERGEETVEE
R
;
_entity_poly.pdbx_strand_id   A
#
loop_
_chem_comp.id
_chem_comp.type
_chem_comp.name
_chem_comp.formula
3K1 non-polymer 5-hydroxy-2-[4-(1H-tetrazol-5-yl)phenyl]pyrimidin-4(3H)-one 'C11 H8 N6 O2'
MN non-polymer 'MANGANESE (II) ION' 'Mn 2'
SO4 non-polymer 'SULFATE ION' 'O4 S -2'
#
# COMPACT_ATOMS: atom_id res chain seq x y z
N GLY A 33 19.87 9.66 -21.79
CA GLY A 33 19.14 10.96 -21.74
C GLY A 33 19.56 11.77 -20.52
N PRO A 34 18.90 12.92 -20.30
CA PRO A 34 19.21 13.77 -19.14
C PRO A 34 18.68 13.14 -17.85
N LEU A 35 19.38 13.39 -16.76
CA LEU A 35 18.94 12.90 -15.46
C LEU A 35 17.95 13.89 -14.85
N GLY A 36 16.75 13.42 -14.57
CA GLY A 36 15.75 14.26 -13.94
C GLY A 36 15.94 14.24 -12.43
N SER A 37 15.16 15.02 -11.71
CA SER A 37 15.19 14.91 -10.25
C SER A 37 14.06 14.04 -9.75
N MET A 38 14.31 13.26 -8.70
CA MET A 38 13.28 12.40 -8.17
C MET A 38 12.14 13.24 -7.60
N GLU A 39 12.50 14.42 -7.07
CA GLU A 39 11.50 15.37 -6.59
C GLU A 39 10.47 15.72 -7.65
N ASP A 40 10.95 16.09 -8.81
CA ASP A 40 10.10 16.39 -9.96
C ASP A 40 9.23 15.18 -10.33
N PHE A 41 9.83 14.00 -10.37
CA PHE A 41 9.08 12.81 -10.71
C PHE A 41 7.90 12.59 -9.73
N VAL A 42 8.19 12.70 -8.44
CA VAL A 42 7.18 12.47 -7.45
C VAL A 42 6.03 13.46 -7.58
N ARG A 43 6.34 14.74 -7.72
CA ARG A 43 5.30 15.74 -7.74
C ARG A 43 4.51 15.69 -9.04
N GLN A 44 5.14 15.19 -10.10
CA GLN A 44 4.47 15.18 -11.38
C GLN A 44 3.64 13.93 -11.55
N CYS A 45 4.03 12.85 -10.88
CA CYS A 45 3.47 11.54 -11.18
C CYS A 45 2.61 10.91 -10.10
N PHE A 46 2.60 11.47 -8.90
CA PHE A 46 1.65 11.04 -7.87
C PHE A 46 0.65 12.14 -7.59
N ASN A 47 -0.55 11.72 -7.24
CA ASN A 47 -1.62 12.62 -6.84
C ASN A 47 -1.17 13.49 -5.65
N PRO A 48 -1.63 14.73 -5.61
CA PRO A 48 -1.13 15.61 -4.52
C PRO A 48 -1.47 15.09 -3.12
N MET A 49 -2.59 14.41 -2.98
CA MET A 49 -2.99 13.84 -1.70
C MET A 49 -1.95 12.85 -1.22
N ILE A 50 -1.54 11.96 -2.11
CA ILE A 50 -0.52 10.97 -1.79
C ILE A 50 0.79 11.64 -1.43
N VAL A 51 1.22 12.61 -2.21
CA VAL A 51 2.47 13.29 -1.94
C VAL A 51 2.45 13.95 -0.55
N GLU A 52 1.35 14.61 -0.24
CA GLU A 52 1.19 15.31 1.04
C GLU A 52 1.25 14.32 2.21
N LEU A 53 0.54 13.19 2.06
CA LEU A 53 0.57 12.18 3.11
C LEU A 53 1.95 11.60 3.29
N ALA A 54 2.68 11.42 2.19
CA ALA A 54 4.06 10.93 2.27
C ALA A 54 4.98 11.93 2.98
N GLU A 55 4.82 13.21 2.63
CA GLU A 55 5.58 14.26 3.27
C GLU A 55 5.33 14.28 4.76
N LYS A 56 4.06 14.16 5.13
CA LYS A 56 3.64 14.19 6.53
C LYS A 56 4.26 13.02 7.29
N ALA A 57 4.28 11.84 6.65
CA ALA A 57 4.88 10.64 7.23
C ALA A 57 6.40 10.79 7.44
N MET A 58 7.12 11.32 6.44
CA MET A 58 8.54 11.52 6.58
C MET A 58 8.84 12.54 7.66
N LYS A 59 8.06 13.61 7.74
CA LYS A 59 8.26 14.63 8.80
C LYS A 59 8.14 13.99 10.18
N GLU A 60 7.14 13.13 10.32
CA GLU A 60 6.80 12.53 11.60
C GLU A 60 8.00 11.70 12.06
N TYR A 61 8.72 11.10 11.11
CA TYR A 61 9.88 10.28 11.41
C TYR A 61 11.22 11.00 11.28
N GLY A 62 11.19 12.31 11.07
CA GLY A 62 12.41 13.09 11.06
C GLY A 62 13.26 12.90 9.81
N GLU A 63 12.61 12.68 8.67
CA GLU A 63 13.29 12.41 7.42
C GLU A 63 12.93 13.53 6.47
N ASP A 64 13.89 14.01 5.67
CA ASP A 64 13.64 15.14 4.79
C ASP A 64 13.33 14.62 3.39
N PRO A 65 12.11 14.88 2.85
CA PRO A 65 11.81 14.38 1.50
C PRO A 65 12.76 14.92 0.44
N LYS A 66 13.51 15.96 0.73
CA LYS A 66 14.33 16.56 -0.33
C LYS A 66 15.74 16.02 -0.31
N ILE A 67 16.02 15.10 0.61
CA ILE A 67 17.34 14.50 0.71
C ILE A 67 17.22 12.97 0.59
N GLU A 68 16.24 12.40 1.28
CA GLU A 68 15.93 11.00 1.13
C GLU A 68 14.84 10.85 0.05
N THR A 69 15.26 11.08 -1.19
CA THR A 69 14.32 11.19 -2.30
C THR A 69 13.85 9.85 -2.80
N ASN A 70 14.75 8.86 -2.82
CA ASN A 70 14.35 7.51 -3.19
C ASN A 70 13.35 7.02 -2.13
N LYS A 71 13.59 7.36 -0.87
CA LYS A 71 12.64 6.98 0.17
C LYS A 71 11.28 7.65 -0.03
N PHE A 72 11.30 8.93 -0.35
CA PHE A 72 10.09 9.69 -0.63
C PHE A 72 9.29 8.96 -1.71
N ALA A 73 9.95 8.61 -2.80
CA ALA A 73 9.28 7.89 -3.90
C ALA A 73 8.75 6.52 -3.50
N ALA A 74 9.51 5.81 -2.67
CA ALA A 74 9.07 4.50 -2.18
C ALA A 74 7.84 4.63 -1.26
N ILE A 75 7.83 5.66 -0.45
CA ILE A 75 6.72 5.89 0.47
C ILE A 75 5.47 6.27 -0.35
N CYS A 76 5.63 7.12 -1.36
CA CYS A 76 4.48 7.46 -2.24
C CYS A 76 3.92 6.21 -2.93
N THR A 77 4.83 5.41 -3.47
CA THR A 77 4.46 4.22 -4.21
C THR A 77 3.67 3.25 -3.34
N HIS A 78 4.20 2.95 -2.17
CA HIS A 78 3.52 2.06 -1.23
C HIS A 78 2.14 2.62 -0.83
N LEU A 79 2.08 3.91 -0.56
CA LEU A 79 0.81 4.52 -0.16
C LEU A 79 -0.16 4.37 -1.32
N GLU A 80 0.30 4.64 -2.53
CA GLU A 80 -0.61 4.51 -3.68
C GLU A 80 -1.11 3.06 -3.84
N VAL A 81 -0.25 2.08 -3.59
CA VAL A 81 -0.66 0.69 -3.73
C VAL A 81 -1.72 0.39 -2.68
N CYS A 82 -1.53 0.90 -1.46
CA CYS A 82 -2.54 0.69 -0.41
C CYS A 82 -3.91 1.25 -0.82
N PHE A 83 -3.92 2.45 -1.40
CA PHE A 83 -5.17 3.05 -1.86
C PHE A 83 -5.77 2.23 -3.01
N MET A 84 -4.92 1.81 -3.95
CA MET A 84 -5.40 1.04 -5.09
C MET A 84 -5.94 -0.33 -4.69
N TYR A 85 -5.39 -0.89 -3.62
CA TYR A 85 -5.80 -2.19 -3.13
C TYR A 85 -7.23 -2.08 -2.60
N SER A 86 -7.55 -0.92 -2.05
CA SER A 86 -8.83 -0.69 -1.39
C SER A 86 -9.86 -0.12 -2.32
N ASP A 87 -9.42 0.58 -3.35
CA ASP A 87 -10.30 1.20 -4.33
C ASP A 87 -11.37 0.26 -4.87
N PHE A 88 -12.59 0.77 -4.92
CA PHE A 88 -13.73 0.13 -5.59
C PHE A 88 -14.23 -1.14 -4.91
N HIS A 89 -13.83 -1.40 -3.68
CA HIS A 89 -14.22 -2.66 -3.07
C HIS A 89 -15.17 -2.33 -1.95
N PHE A 90 -16.38 -2.87 -2.06
CA PHE A 90 -17.44 -2.61 -1.10
C PHE A 90 -18.01 -3.87 -0.60
N ILE A 91 -18.77 -3.75 0.48
CA ILE A 91 -19.62 -4.84 0.93
C ILE A 91 -21.11 -4.45 0.83
N ASP A 92 -21.90 -5.30 0.18
CA ASP A 92 -23.26 -4.93 -0.18
C ASP A 92 -24.28 -5.04 0.95
N GLU A 93 -25.54 -4.77 0.61
CA GLU A 93 -26.65 -4.87 1.54
C GLU A 93 -26.79 -6.28 2.08
N ARG A 94 -26.46 -7.26 1.24
CA ARG A 94 -26.56 -8.66 1.60
C ARG A 94 -25.33 -9.12 2.39
N GLY A 95 -24.34 -8.23 2.53
CA GLY A 95 -23.19 -8.49 3.37
C GLY A 95 -22.05 -9.12 2.60
N GLU A 96 -22.18 -9.12 1.28
CA GLU A 96 -21.19 -9.72 0.37
C GLU A 96 -20.33 -8.68 -0.37
N SER A 97 -19.17 -9.13 -0.86
CA SER A 97 -18.15 -8.25 -1.46
C SER A 97 -18.45 -7.97 -2.92
N ILE A 98 -18.42 -6.70 -3.29
CA ILE A 98 -18.70 -6.27 -4.66
C ILE A 98 -17.76 -5.17 -5.09
N ILE A 99 -17.57 -5.06 -6.40
CA ILE A 99 -16.69 -4.07 -6.96
C ILE A 99 -17.52 -3.01 -7.66
N VAL A 100 -17.33 -1.75 -7.31
CA VAL A 100 -18.06 -0.64 -7.92
C VAL A 100 -17.08 0.42 -8.41
N GLU A 101 -16.77 0.42 -9.70
CA GLU A 101 -15.78 1.35 -10.27
C GLU A 101 -16.35 2.72 -10.68
N SER A 102 -17.66 2.81 -10.88
CA SER A 102 -18.29 4.11 -11.09
C SER A 102 -18.19 4.91 -9.80
N GLY A 103 -18.01 6.22 -9.91
CA GLY A 103 -17.77 7.02 -8.72
C GLY A 103 -19.03 7.38 -7.96
N ASP A 104 -20.05 6.53 -8.08
CA ASP A 104 -21.34 6.75 -7.44
C ASP A 104 -21.86 5.46 -6.79
N PRO A 105 -21.19 4.99 -5.74
CA PRO A 105 -21.65 3.78 -5.04
C PRO A 105 -22.90 4.07 -4.23
N ASN A 106 -23.96 3.28 -4.38
CA ASN A 106 -25.18 3.52 -3.62
C ASN A 106 -24.90 3.52 -2.12
N ALA A 107 -25.68 4.31 -1.41
CA ALA A 107 -25.40 4.67 -0.03
C ALA A 107 -25.37 3.50 0.98
N LEU A 108 -26.03 2.40 0.67
CA LEU A 108 -26.08 1.29 1.62
C LEU A 108 -24.83 0.41 1.60
N LEU A 109 -23.97 0.64 0.62
CA LEU A 109 -22.73 -0.12 0.52
C LEU A 109 -21.71 0.40 1.54
N LYS A 110 -20.94 -0.52 2.10
CA LYS A 110 -19.85 -0.16 3.00
C LYS A 110 -18.47 -0.49 2.39
N HIS A 111 -17.51 0.38 2.60
CA HIS A 111 -16.14 0.10 2.14
C HIS A 111 -15.64 -1.20 2.71
N ARG A 112 -15.05 -2.00 1.85
CA ARG A 112 -14.55 -3.31 2.26
C ARG A 112 -13.34 -3.18 3.17
N PHE A 113 -12.50 -2.19 2.90
CA PHE A 113 -11.25 -2.05 3.62
C PHE A 113 -11.23 -0.80 4.48
N GLU A 114 -10.61 -0.92 5.64
CA GLU A 114 -10.17 0.24 6.41
C GLU A 114 -8.72 0.51 5.99
N ILE A 115 -8.37 1.78 5.78
CA ILE A 115 -7.00 2.13 5.43
C ILE A 115 -6.34 2.69 6.67
N ILE A 116 -5.24 2.05 7.05
CA ILE A 116 -4.51 2.42 8.26
C ILE A 116 -3.28 3.26 7.90
N GLU A 117 -2.60 2.86 6.84
CA GLU A 117 -1.45 3.60 6.32
C GLU A 117 -1.90 4.98 5.91
N GLY A 118 -1.01 5.95 6.08
CA GLY A 118 -1.32 7.31 5.66
C GLY A 118 -1.85 8.20 6.76
N ARG A 119 -2.22 7.59 7.87
CA ARG A 119 -2.72 8.30 9.05
C ARG A 119 -1.58 8.58 9.98
N ASP A 120 -1.64 9.68 10.74
CA ASP A 120 -0.59 9.87 11.71
C ASP A 120 -0.74 8.81 12.80
N ARG A 121 0.32 8.68 13.58
CA ARG A 121 0.49 7.61 14.52
C ARG A 121 -0.69 7.50 15.52
N ILE A 122 -1.13 8.62 16.07
CA ILE A 122 -2.25 8.63 17.01
C ILE A 122 -3.53 8.11 16.35
N MET A 123 -3.82 8.61 15.15
CA MET A 123 -5.06 8.27 14.49
C MET A 123 -5.03 6.83 13.99
N ALA A 124 -3.86 6.39 13.55
CA ALA A 124 -3.70 5.03 13.07
C ALA A 124 -3.98 4.05 14.19
N TRP A 125 -3.43 4.30 15.38
CA TRP A 125 -3.66 3.37 16.50
C TRP A 125 -5.10 3.46 16.97
N THR A 126 -5.68 4.65 16.86
CA THR A 126 -7.08 4.85 17.23
C THR A 126 -7.95 3.95 16.33
N VAL A 127 -7.64 3.95 15.05
CA VAL A 127 -8.43 3.13 14.11
C VAL A 127 -8.21 1.62 14.35
N VAL A 128 -6.96 1.23 14.54
CA VAL A 128 -6.65 -0.16 14.88
C VAL A 128 -7.35 -0.62 16.18
N ASN A 129 -7.26 0.17 17.24
CA ASN A 129 -7.92 -0.22 18.49
C ASN A 129 -9.42 -0.38 18.34
N SER A 130 -10.02 0.52 17.58
CA SER A 130 -11.42 0.47 17.30
C SER A 130 -11.78 -0.88 16.64
N ILE A 131 -11.07 -1.20 15.57
CA ILE A 131 -11.32 -2.45 14.84
C ILE A 131 -11.20 -3.65 15.77
N CYS A 132 -10.13 -3.64 16.55
CA CYS A 132 -9.74 -4.78 17.38
C CYS A 132 -10.72 -5.04 18.53
N ASN A 133 -11.30 -3.96 19.03
CA ASN A 133 -12.24 -4.08 20.14
C ASN A 133 -13.60 -4.45 19.60
N THR A 134 -13.85 -4.01 18.38
CA THR A 134 -15.12 -4.29 17.71
C THR A 134 -15.21 -5.71 17.16
N THR A 135 -14.22 -6.08 16.34
CA THR A 135 -14.27 -7.33 15.61
C THR A 135 -13.81 -8.49 16.46
N GLY A 136 -13.11 -8.18 17.55
CA GLY A 136 -12.54 -9.22 18.38
C GLY A 136 -11.17 -9.66 17.91
N VAL A 137 -10.79 -9.23 16.69
CA VAL A 137 -9.46 -9.53 16.14
C VAL A 137 -8.34 -9.03 17.06
N GLU A 138 -7.34 -9.88 17.27
CA GLU A 138 -6.21 -9.53 18.14
C GLU A 138 -5.49 -8.25 17.68
N LYS A 139 -4.74 -7.63 18.61
CA LYS A 139 -4.09 -6.36 18.33
C LYS A 139 -2.71 -6.56 17.77
N PRO A 140 -2.44 -5.96 16.61
CA PRO A 140 -1.08 -6.14 16.09
C PRO A 140 -0.07 -5.36 16.88
N LYS A 141 1.19 -5.75 16.77
CA LYS A 141 2.26 -5.11 17.50
C LYS A 141 2.82 -3.93 16.73
N PHE A 142 2.71 -3.97 15.39
CA PHE A 142 3.09 -2.83 14.54
C PHE A 142 1.88 -2.47 13.69
N LEU A 143 1.79 -1.22 13.28
CA LEU A 143 0.69 -0.78 12.47
C LEU A 143 0.70 -1.52 11.14
N PRO A 144 -0.41 -2.19 10.80
CA PRO A 144 -0.55 -2.75 9.46
C PRO A 144 -1.07 -1.69 8.52
N ASP A 145 -1.36 -2.05 7.27
CA ASP A 145 -1.74 -1.10 6.25
C ASP A 145 -3.24 -0.98 6.03
N LEU A 146 -3.91 -2.13 6.10
CA LEU A 146 -5.35 -2.20 5.85
C LEU A 146 -6.01 -3.12 6.82
N TYR A 147 -7.32 -2.99 6.96
CA TYR A 147 -8.13 -4.04 7.55
C TYR A 147 -9.20 -4.46 6.55
N ASP A 148 -9.33 -5.77 6.37
CA ASP A 148 -10.28 -6.36 5.43
C ASP A 148 -11.51 -6.85 6.17
N TYR A 149 -12.65 -6.18 5.98
CA TYR A 149 -13.88 -6.55 6.67
C TYR A 149 -14.49 -7.80 6.08
N LYS A 150 -14.08 -8.22 4.88
CA LYS A 150 -14.61 -9.46 4.32
C LYS A 150 -13.90 -10.63 4.94
N GLU A 151 -12.57 -10.61 4.85
CA GLU A 151 -11.76 -11.72 5.34
C GLU A 151 -11.49 -11.61 6.84
N ASN A 152 -11.87 -10.49 7.44
CA ASN A 152 -11.72 -10.25 8.86
C ASN A 152 -10.28 -10.37 9.34
N ARG A 153 -9.39 -9.61 8.71
CA ARG A 153 -7.98 -9.67 9.04
C ARG A 153 -7.27 -8.40 8.61
N PHE A 154 -6.21 -8.05 9.34
CA PHE A 154 -5.33 -6.98 8.95
C PHE A 154 -4.46 -7.46 7.80
N ILE A 155 -4.05 -6.51 6.95
CA ILE A 155 -3.16 -6.77 5.81
C ILE A 155 -1.96 -5.88 5.91
N GLU A 156 -0.78 -6.47 5.72
CA GLU A 156 0.46 -5.73 5.49
C GLU A 156 0.79 -5.77 4.00
N ILE A 157 0.85 -4.60 3.39
CA ILE A 157 1.21 -4.44 1.98
C ILE A 157 2.70 -4.17 1.89
N GLY A 158 3.35 -4.88 0.97
CA GLY A 158 4.75 -4.65 0.67
C GLY A 158 4.92 -4.35 -0.80
N VAL A 159 5.81 -3.43 -1.12
CA VAL A 159 6.19 -3.15 -2.51
C VAL A 159 7.72 -3.18 -2.53
N THR A 160 8.28 -4.08 -3.34
CA THR A 160 9.72 -4.30 -3.32
C THR A 160 10.35 -4.16 -4.68
N ARG A 161 11.57 -3.63 -4.66
CA ARG A 161 12.43 -3.56 -5.84
C ARG A 161 13.36 -4.79 -5.90
N ARG A 162 13.15 -5.74 -4.98
CA ARG A 162 13.89 -7.01 -4.90
C ARG A 162 12.95 -8.21 -5.08
N GLU A 163 13.47 -9.42 -4.93
CA GLU A 163 12.66 -10.64 -5.07
C GLU A 163 11.56 -10.75 -4.00
N VAL A 164 10.32 -10.98 -4.44
CA VAL A 164 9.19 -10.97 -3.53
C VAL A 164 9.35 -11.94 -2.36
N HIS A 165 10.00 -13.08 -2.59
CA HIS A 165 10.15 -14.09 -1.53
C HIS A 165 11.05 -13.62 -0.40
N ILE A 166 12.17 -12.99 -0.75
CA ILE A 166 13.09 -12.51 0.26
C ILE A 166 12.35 -11.46 1.08
N TYR A 167 11.66 -10.58 0.36
CA TYR A 167 10.91 -9.50 0.97
C TYR A 167 9.75 -10.02 1.81
N TYR A 168 9.07 -11.06 1.31
CA TYR A 168 7.97 -11.66 2.07
C TYR A 168 8.51 -12.12 3.43
N LEU A 169 9.65 -12.79 3.38
CA LEU A 169 10.28 -13.34 4.57
C LEU A 169 10.64 -12.25 5.57
N GLU A 170 11.14 -11.12 5.08
CA GLU A 170 11.50 -10.01 5.96
C GLU A 170 10.28 -9.46 6.67
N LYS A 171 9.20 -9.24 5.94
CA LYS A 171 7.98 -8.69 6.52
C LYS A 171 7.42 -9.62 7.57
N ALA A 172 7.43 -10.90 7.22
CA ALA A 172 6.90 -11.94 8.10
C ALA A 172 7.64 -12.00 9.42
N ASN A 173 8.97 -11.91 9.35
CA ASN A 173 9.79 -11.95 10.56
C ASN A 173 9.53 -10.78 11.48
N LYS A 174 9.19 -9.63 10.90
CA LYS A 174 8.90 -8.46 11.73
C LYS A 174 7.52 -8.58 12.36
N ILE A 175 6.62 -9.25 11.66
CA ILE A 175 5.21 -9.37 12.07
C ILE A 175 5.01 -10.39 13.17
N LYS A 176 5.53 -11.61 12.99
CA LYS A 176 5.46 -12.67 14.00
C LYS A 176 4.07 -13.01 14.56
N SER A 177 3.03 -12.64 13.83
CA SER A 177 1.68 -12.64 14.40
C SER A 177 0.83 -13.22 13.31
N GLU A 178 0.47 -14.49 13.51
CA GLU A 178 -0.10 -15.32 12.46
C GLU A 178 -1.33 -14.68 11.82
N LYS A 179 -1.92 -13.70 12.51
CA LYS A 179 -3.18 -13.15 12.05
C LYS A 179 -3.03 -12.21 10.87
N THR A 180 -1.99 -11.37 10.84
CA THR A 180 -1.87 -10.35 9.79
C THR A 180 -1.45 -11.00 8.49
N HIS A 181 -2.24 -10.74 7.47
CA HIS A 181 -2.01 -11.24 6.13
C HIS A 181 -1.00 -10.36 5.40
N ILE A 182 -0.07 -10.98 4.68
CA ILE A 182 0.95 -10.22 3.98
C ILE A 182 0.73 -10.34 2.48
N HIS A 183 0.83 -9.24 1.78
CA HIS A 183 0.70 -9.26 0.32
C HIS A 183 1.78 -8.37 -0.27
N ILE A 184 2.68 -9.01 -1.02
CA ILE A 184 3.87 -8.36 -1.58
C ILE A 184 3.71 -8.21 -3.07
N PHE A 185 3.99 -7.00 -3.58
CA PHE A 185 4.09 -6.70 -5.00
C PHE A 185 5.52 -6.31 -5.34
N SER A 186 5.96 -6.67 -6.54
CA SER A 186 7.22 -6.18 -7.07
C SER A 186 6.96 -5.23 -8.21
N PHE A 187 8.00 -4.59 -8.72
CA PHE A 187 7.84 -3.71 -9.85
C PHE A 187 7.82 -4.46 -11.19
N THR A 188 8.03 -5.79 -11.14
CA THR A 188 8.07 -6.59 -12.35
C THR A 188 6.93 -7.61 -12.44
N GLY A 189 5.90 -7.45 -11.62
CA GLY A 189 4.68 -8.24 -11.76
C GLY A 189 4.54 -9.44 -10.84
N GLU A 190 5.62 -9.77 -10.12
CA GLU A 190 5.57 -10.89 -9.17
C GLU A 190 4.79 -10.47 -7.94
N GLU A 191 4.05 -11.43 -7.37
CA GLU A 191 3.38 -11.23 -6.08
C GLU A 191 3.66 -12.44 -5.18
N MET A 192 3.60 -12.22 -3.88
CA MET A 192 3.62 -13.30 -2.92
C MET A 192 2.71 -12.93 -1.76
N ALA A 193 1.83 -13.86 -1.40
CA ALA A 193 0.91 -13.59 -0.31
C ALA A 193 0.78 -14.79 0.60
N THR A 194 0.50 -14.50 1.86
CA THR A 194 0.34 -15.50 2.89
C THR A 194 -0.59 -16.63 2.42
N LYS A 195 -0.12 -17.87 2.56
CA LYS A 195 -0.88 -19.08 2.25
C LYS A 195 -1.41 -19.12 0.81
N ALA A 196 -0.75 -18.38 -0.09
CA ALA A 196 -1.15 -18.31 -1.50
C ALA A 196 -2.58 -17.82 -1.64
N ASP A 197 -2.99 -17.03 -0.67
CA ASP A 197 -4.29 -16.37 -0.64
C ASP A 197 -4.12 -14.90 -1.03
N TYR A 198 -4.57 -14.55 -2.24
CA TYR A 198 -4.25 -13.25 -2.82
C TYR A 198 -5.29 -12.16 -2.64
N THR A 199 -6.35 -12.54 -1.91
CA THR A 199 -7.41 -11.65 -1.44
C THR A 199 -8.31 -11.09 -2.54
N LEU A 200 -7.69 -10.41 -3.51
CA LEU A 200 -8.37 -9.72 -4.59
C LEU A 200 -8.36 -10.53 -5.89
N ASP A 201 -9.30 -10.18 -6.76
CA ASP A 201 -9.41 -10.73 -8.13
C ASP A 201 -8.21 -10.31 -8.97
N GLU A 202 -8.04 -10.98 -10.11
CA GLU A 202 -6.90 -10.72 -10.97
C GLU A 202 -6.93 -9.31 -11.53
N GLU A 203 -8.13 -8.80 -11.82
CA GLU A 203 -8.16 -7.49 -12.48
C GLU A 203 -7.67 -6.40 -11.50
N SER A 204 -8.07 -6.48 -10.24
CA SER A 204 -7.61 -5.51 -9.25
C SER A 204 -6.11 -5.54 -9.06
N ARG A 205 -5.55 -6.72 -8.96
CA ARG A 205 -4.13 -6.82 -8.75
C ARG A 205 -3.39 -6.43 -10.05
N ALA A 206 -4.00 -6.67 -11.20
CA ALA A 206 -3.40 -6.20 -12.48
C ALA A 206 -3.30 -4.68 -12.56
N ARG A 207 -4.28 -3.98 -12.00
CA ARG A 207 -4.26 -2.49 -11.98
C ARG A 207 -3.03 -2.05 -11.22
N ILE A 208 -2.80 -2.66 -10.07
CA ILE A 208 -1.65 -2.31 -9.24
C ILE A 208 -0.36 -2.60 -9.96
N LYS A 209 -0.26 -3.78 -10.57
CA LYS A 209 0.96 -4.15 -11.29
C LYS A 209 1.21 -3.22 -12.49
N THR A 210 0.14 -2.81 -13.15
CA THR A 210 0.28 -1.92 -14.29
C THR A 210 0.81 -0.56 -13.83
N ARG A 211 0.30 -0.11 -12.70
CA ARG A 211 0.76 1.16 -12.14
C ARG A 211 2.25 1.05 -11.78
N LEU A 212 2.66 -0.05 -11.13
CA LEU A 212 4.07 -0.20 -10.74
C LEU A 212 4.98 -0.25 -11.94
N PHE A 213 4.51 -0.90 -13.00
CA PHE A 213 5.25 -0.95 -14.25
C PHE A 213 5.40 0.47 -14.83
N THR A 214 4.34 1.25 -14.75
CA THR A 214 4.33 2.63 -15.29
C THR A 214 5.32 3.51 -14.52
N ILE A 215 5.34 3.33 -13.20
CA ILE A 215 6.26 4.10 -12.35
C ILE A 215 7.69 3.74 -12.70
N ARG A 216 7.98 2.44 -12.77
CA ARG A 216 9.32 2.00 -13.12
C ARG A 216 9.78 2.53 -14.49
N GLN A 217 8.87 2.45 -15.46
CA GLN A 217 9.22 2.87 -16.82
C GLN A 217 9.48 4.37 -16.88
N GLU A 218 8.66 5.15 -16.19
CA GLU A 218 8.82 6.59 -16.19
C GLU A 218 10.11 6.99 -15.43
N MET A 219 10.37 6.37 -14.29
CA MET A 219 11.66 6.61 -13.59
C MET A 219 12.82 6.29 -14.54
N ALA A 220 12.71 5.17 -15.25
CA ALA A 220 13.76 4.75 -16.18
C ALA A 220 13.96 5.79 -17.27
N SER A 221 12.88 6.35 -17.82
CA SER A 221 13.09 7.37 -18.88
C SER A 221 13.75 8.63 -18.33
N ARG A 222 13.64 8.85 -17.03
CA ARG A 222 14.29 10.02 -16.41
C ARG A 222 15.66 9.66 -15.78
N SER A 223 16.10 8.43 -16.03
CA SER A 223 17.33 7.87 -15.49
C SER A 223 17.41 7.88 -13.94
N LEU A 224 16.28 7.56 -13.31
CA LEU A 224 16.17 7.46 -11.85
C LEU A 224 16.06 6.05 -11.31
N TRP A 225 15.78 5.07 -12.18
CA TRP A 225 15.41 3.74 -11.72
C TRP A 225 16.54 2.91 -11.10
N ASP A 226 17.68 2.80 -11.78
CA ASP A 226 18.76 1.95 -11.28
C ASP A 226 19.06 2.28 -9.83
N SER A 227 19.23 3.57 -9.56
CA SER A 227 19.50 4.03 -8.22
C SER A 227 18.37 3.70 -7.28
N PHE A 228 17.15 3.99 -7.73
CA PHE A 228 15.99 3.76 -6.90
C PHE A 228 15.92 2.28 -6.53
N ARG A 229 16.13 1.41 -7.52
CA ARG A 229 16.08 -0.04 -7.28
C ARG A 229 17.17 -0.46 -6.32
N GLN A 230 18.37 0.05 -6.53
CA GLN A 230 19.53 -0.42 -5.76
C GLN A 230 19.50 0.07 -4.31
N SER A 231 18.73 1.13 -4.06
CA SER A 231 18.72 1.77 -2.76
C SER A 231 17.87 1.02 -1.73
N GLU A 232 17.10 0.03 -2.15
CA GLU A 232 16.30 -0.72 -1.17
C GLU A 232 17.18 -1.60 -0.26
MN MN B . 3.31 -1.91 4.16
MN MN C . 2.42 0.55 6.79
S SO4 D . 18.80 9.21 -2.04
O1 SO4 D . 18.47 10.50 -2.65
O2 SO4 D . 19.77 9.43 -0.96
O3 SO4 D . 19.37 8.30 -3.03
O4 SO4 D . 17.58 8.62 -1.51
O01 3K1 E . 3.75 -0.26 5.48
C02 3K1 E . 4.89 0.33 4.97
C03 3K1 E . 5.19 1.63 5.23
N04 3K1 E . 6.32 2.19 4.71
C05 3K1 E . 7.08 1.42 3.92
C06 3K1 E . 8.37 1.93 3.33
C07 3K1 E . 8.93 1.25 2.25
C08 3K1 E . 10.17 1.69 1.76
C09 3K1 E . 10.81 2.76 2.39
C10 3K1 E . 10.25 3.41 3.47
C11 3K1 E . 9.02 2.97 3.97
C12 3K1 E . 12.14 3.21 1.86
N13 3K1 E . 13.10 3.86 2.53
N14 3K1 E . 14.12 4.03 1.66
N15 3K1 E . 13.80 3.47 0.49
N16 3K1 E . 12.57 2.95 0.64
N17 3K1 E . 6.83 0.13 3.66
C18 3K1 E . 5.73 -0.43 4.14
O19 3K1 E . 5.50 -1.57 3.84
H011 3K1 E . 3.63 -1.05 5.09
H031 3K1 E . 4.60 2.16 5.80
H071 3K1 E . 8.48 0.50 1.83
H081 3K1 E . 10.58 1.25 1.00
H101 3K1 E . 10.72 4.15 3.90
H111 3K1 E . 8.63 3.42 4.75
H161 3K1 E . 12.09 2.51 -0.01
S SO4 F . -0.72 13.76 -10.93
O1 SO4 F . -0.05 12.55 -10.49
O2 SO4 F . 0.09 14.92 -10.56
O3 SO4 F . -2.04 13.84 -10.30
O4 SO4 F . -0.85 13.70 -12.39
#